data_3DOJ
#
_entry.id   3DOJ
#
_cell.length_a   156.543
_cell.length_b   156.543
_cell.length_c   75.467
_cell.angle_alpha   90.000
_cell.angle_beta   90.000
_cell.angle_gamma   90.000
#
_symmetry.space_group_name_H-M   'I 41 2 2'
#
loop_
_entity.id
_entity.type
_entity.pdbx_description
1 polymer 'Dehydrogenase-like protein'
2 non-polymer 'CHLORIDE ION'
3 water water
#
_entity_poly.entity_id   1
_entity_poly.type   'polypeptide(L)'
_entity_poly.pdbx_seq_one_letter_code
;MGSSHHHHHHSSGLVPRGSHMMEVGFLGLGIMGKAMSMNLLKNGFKVTVWNRTLSKCDELVEHGASVCESPAEVIKKCKY
TIAMLSDPCAALSVVFDKGGVLEQICEGKGYIDMSTVDAETSLKINEAITGKGGRFVEGPVSGSKKPAEDGQLIILAAGD
KALFEESIPAFDVLGKRSFYLGQVGNGAKMKLIVNMIMGSMMNAFSEGLVLADKSGLSSDTLLDILDLGAMTNPMFKGKG
PSMNKSSYPPAFPLKHQQKDMRLALALGDENAVSMPVAAAANEAFKKARSLGLGDLDFSAVIEAVKFSRE
;
_entity_poly.pdbx_strand_id   A
#
loop_
_chem_comp.id
_chem_comp.type
_chem_comp.name
_chem_comp.formula
CL non-polymer 'CHLORIDE ION' 'Cl -1'
#
# COMPACT_ATOMS: atom_id res chain seq x y z
N GLY A 18 -3.20 -13.62 -28.65
CA GLY A 18 -2.86 -12.44 -29.45
C GLY A 18 -3.69 -11.22 -29.10
N SER A 19 -5.00 -11.41 -29.01
CA SER A 19 -5.92 -10.30 -28.76
C SER A 19 -6.43 -10.23 -27.32
N HIS A 20 -6.72 -9.01 -26.87
CA HIS A 20 -7.21 -8.75 -25.52
C HIS A 20 -8.18 -7.57 -25.57
N MET A 21 -9.01 -7.45 -24.54
CA MET A 21 -9.85 -6.27 -24.38
C MET A 21 -9.04 -5.08 -23.89
N MET A 22 -8.25 -5.28 -22.85
CA MET A 22 -7.40 -4.22 -22.30
C MET A 22 -5.97 -4.67 -21.99
N GLU A 23 -5.04 -3.73 -22.09
CA GLU A 23 -3.64 -3.95 -21.75
C GLU A 23 -3.14 -2.83 -20.84
N VAL A 24 -2.22 -3.17 -19.94
CA VAL A 24 -1.67 -2.20 -19.00
CA VAL A 24 -1.68 -2.20 -19.01
C VAL A 24 -0.21 -2.50 -18.73
N GLY A 25 0.56 -1.46 -18.42
CA GLY A 25 1.91 -1.64 -17.94
C GLY A 25 1.81 -1.73 -16.43
N PHE A 26 2.78 -2.36 -15.77
CA PHE A 26 2.72 -2.47 -14.32
C PHE A 26 4.11 -2.49 -13.71
N LEU A 27 4.38 -1.55 -12.82
CA LEU A 27 5.70 -1.43 -12.21
C LEU A 27 5.65 -1.78 -10.72
N GLY A 28 6.50 -2.73 -10.30
CA GLY A 28 6.59 -3.08 -8.89
C GLY A 28 5.95 -4.42 -8.58
N LEU A 29 6.76 -5.37 -8.13
CA LEU A 29 6.27 -6.71 -7.84
C LEU A 29 6.55 -7.12 -6.40
N GLY A 30 6.42 -6.18 -5.48
CA GLY A 30 6.50 -6.47 -4.06
C GLY A 30 5.25 -7.22 -3.65
N ILE A 31 5.01 -7.30 -2.34
CA ILE A 31 3.85 -8.02 -1.83
C ILE A 31 2.56 -7.61 -2.54
N MET A 32 2.26 -6.32 -2.53
CA MET A 32 1.04 -5.82 -3.16
C MET A 32 1.12 -5.85 -4.69
N GLY A 33 2.28 -5.48 -5.24
CA GLY A 33 2.44 -5.39 -6.67
C GLY A 33 2.24 -6.72 -7.37
N LYS A 34 2.86 -7.77 -6.83
CA LYS A 34 2.74 -9.10 -7.40
C LYS A 34 1.30 -9.59 -7.32
N ALA A 35 0.66 -9.35 -6.17
CA ALA A 35 -0.73 -9.75 -5.99
C ALA A 35 -1.66 -9.03 -6.97
N MET A 36 -1.44 -7.73 -7.15
CA MET A 36 -2.31 -6.94 -8.02
C MET A 36 -2.10 -7.25 -9.50
N SER A 37 -0.84 -7.35 -9.93
CA SER A 37 -0.56 -7.65 -11.33
C SER A 37 -1.04 -9.05 -11.72
N MET A 38 -0.87 -10.02 -10.82
CA MET A 38 -1.35 -11.38 -11.05
C MET A 38 -2.87 -11.43 -11.16
N ASN A 39 -3.54 -10.61 -10.36
CA ASN A 39 -5.00 -10.49 -10.40
C ASN A 39 -5.45 -10.00 -11.77
N LEU A 40 -4.76 -8.99 -12.29
CA LEU A 40 -5.06 -8.46 -13.62
C LEU A 40 -4.85 -9.53 -14.69
N LEU A 41 -3.71 -10.21 -14.64
CA LEU A 41 -3.45 -11.29 -15.59
C LEU A 41 -4.51 -12.39 -15.53
N LYS A 42 -4.87 -12.81 -14.32
CA LYS A 42 -5.85 -13.88 -14.16
C LYS A 42 -7.22 -13.41 -14.63
N ASN A 43 -7.39 -12.10 -14.78
CA ASN A 43 -8.65 -11.53 -15.20
C ASN A 43 -8.69 -11.01 -16.64
N GLY A 44 -7.81 -11.56 -17.48
CA GLY A 44 -7.86 -11.30 -18.90
C GLY A 44 -7.15 -10.05 -19.39
N PHE A 45 -6.50 -9.32 -18.50
CA PHE A 45 -5.69 -8.18 -18.91
C PHE A 45 -4.38 -8.66 -19.51
N LYS A 46 -3.93 -8.01 -20.59
CA LYS A 46 -2.55 -8.15 -20.98
C LYS A 46 -1.75 -7.23 -20.07
N VAL A 47 -0.68 -7.76 -19.49
CA VAL A 47 0.12 -6.96 -18.57
C VAL A 47 1.59 -7.03 -18.98
N THR A 48 2.23 -5.87 -18.97
CA THR A 48 3.65 -5.79 -19.22
C THR A 48 4.28 -5.26 -17.94
N VAL A 49 5.16 -6.05 -17.33
CA VAL A 49 5.66 -5.69 -16.01
C VAL A 49 7.13 -5.29 -16.00
N TRP A 50 7.51 -4.58 -14.94
CA TRP A 50 8.90 -4.30 -14.63
C TRP A 50 9.09 -4.42 -13.13
N ASN A 51 10.26 -4.93 -12.73
CA ASN A 51 10.65 -4.93 -11.32
C ASN A 51 12.16 -4.86 -11.24
N ARG A 52 12.69 -4.21 -10.20
CA ARG A 52 14.14 -4.11 -10.04
C ARG A 52 14.70 -5.49 -9.70
N THR A 53 13.96 -6.27 -8.92
CA THR A 53 14.31 -7.66 -8.63
C THR A 53 13.71 -8.58 -9.70
N LEU A 54 14.56 -9.08 -10.60
CA LEU A 54 14.12 -9.82 -11.77
C LEU A 54 13.35 -11.11 -11.47
N SER A 55 13.82 -11.87 -10.48
CA SER A 55 13.22 -13.16 -10.17
C SER A 55 11.73 -13.03 -9.87
N LYS A 56 11.33 -11.88 -9.35
CA LYS A 56 9.92 -11.62 -9.04
C LYS A 56 9.02 -11.77 -10.27
N CYS A 57 9.60 -11.54 -11.45
CA CYS A 57 8.85 -11.60 -12.71
C CYS A 57 8.51 -13.03 -13.14
N ASP A 58 9.21 -14.01 -12.60
CA ASP A 58 9.03 -15.40 -13.02
C ASP A 58 7.56 -15.81 -13.07
N GLU A 59 6.85 -15.66 -11.95
CA GLU A 59 5.48 -16.12 -11.86
C GLU A 59 4.55 -15.40 -12.82
N LEU A 60 4.82 -14.13 -13.08
CA LEU A 60 4.00 -13.37 -14.01
C LEU A 60 4.23 -13.83 -15.45
N VAL A 61 5.49 -14.09 -15.80
CA VAL A 61 5.83 -14.58 -17.12
C VAL A 61 5.11 -15.90 -17.40
N GLU A 62 5.10 -16.78 -16.41
CA GLU A 62 4.43 -18.07 -16.55
C GLU A 62 2.94 -17.93 -16.79
N HIS A 63 2.38 -16.78 -16.43
CA HIS A 63 0.96 -16.53 -16.65
C HIS A 63 0.71 -15.60 -17.82
N GLY A 64 1.73 -15.40 -18.65
CA GLY A 64 1.56 -14.68 -19.91
C GLY A 64 1.99 -13.22 -19.93
N ALA A 65 2.55 -12.74 -18.83
CA ALA A 65 2.98 -11.33 -18.77
C ALA A 65 4.16 -11.07 -19.70
N SER A 66 4.13 -9.91 -20.36
CA SER A 66 5.31 -9.42 -21.06
C SER A 66 6.23 -8.76 -20.03
N VAL A 67 7.50 -8.59 -20.37
CA VAL A 67 8.45 -7.97 -19.46
C VAL A 67 9.34 -6.98 -20.18
N CYS A 68 9.55 -5.82 -19.55
CA CYS A 68 10.48 -4.83 -20.09
C CYS A 68 11.64 -4.58 -19.11
N GLU A 69 12.72 -4.00 -19.60
CA GLU A 69 13.93 -3.85 -18.79
C GLU A 69 13.89 -2.63 -17.86
N SER A 70 12.99 -1.69 -18.14
CA SER A 70 12.94 -0.46 -17.37
C SER A 70 11.53 0.13 -17.37
N PRO A 71 11.24 1.00 -16.39
CA PRO A 71 9.96 1.71 -16.40
C PRO A 71 9.79 2.53 -17.68
N ALA A 72 10.89 3.12 -18.17
CA ALA A 72 10.83 3.89 -19.41
C ALA A 72 10.26 3.06 -20.55
N GLU A 73 10.72 1.81 -20.66
CA GLU A 73 10.27 0.93 -21.74
C GLU A 73 8.79 0.55 -21.57
N VAL A 74 8.37 0.32 -20.32
CA VAL A 74 6.96 -0.01 -20.09
C VAL A 74 6.07 1.15 -20.55
N ILE A 75 6.45 2.37 -20.16
CA ILE A 75 5.71 3.57 -20.54
C ILE A 75 5.64 3.73 -22.06
N LYS A 76 6.80 3.60 -22.71
CA LYS A 76 6.86 3.70 -24.17
C LYS A 76 5.88 2.72 -24.81
N LYS A 77 5.82 1.51 -24.27
CA LYS A 77 5.00 0.46 -24.84
C LYS A 77 3.50 0.60 -24.54
N CYS A 78 3.17 1.04 -23.33
CA CYS A 78 1.77 1.01 -22.88
C CYS A 78 1.17 2.41 -22.75
N LYS A 79 -0.09 2.54 -23.15
CA LYS A 79 -0.82 3.80 -23.00
C LYS A 79 -1.14 4.09 -21.52
N TYR A 80 -1.56 3.06 -20.80
CA TYR A 80 -1.88 3.15 -19.38
C TYR A 80 -0.91 2.30 -18.58
N THR A 81 -0.26 2.91 -17.59
CA THR A 81 0.67 2.18 -16.74
C THR A 81 0.35 2.36 -15.26
N ILE A 82 0.32 1.25 -14.53
CA ILE A 82 0.09 1.26 -13.09
C ILE A 82 1.39 1.02 -12.35
N ALA A 83 1.57 1.70 -11.23
CA ALA A 83 2.76 1.49 -10.39
C ALA A 83 2.36 1.19 -8.96
N MET A 84 3.00 0.19 -8.38
CA MET A 84 2.79 -0.12 -6.97
C MET A 84 4.15 -0.37 -6.33
N LEU A 85 4.73 0.68 -5.76
CA LEU A 85 6.07 0.61 -5.17
C LEU A 85 6.03 0.59 -3.63
N SER A 86 7.13 0.17 -3.03
CA SER A 86 7.17 -0.15 -1.61
C SER A 86 7.17 1.08 -0.70
N ASP A 87 7.66 2.20 -1.21
CA ASP A 87 7.74 3.41 -0.38
C ASP A 87 7.96 4.67 -1.23
N PRO A 88 7.79 5.85 -0.62
CA PRO A 88 7.87 7.11 -1.38
C PRO A 88 9.18 7.25 -2.16
N CYS A 89 10.29 6.82 -1.58
CA CYS A 89 11.58 6.93 -2.25
CA CYS A 89 11.59 6.90 -2.24
C CYS A 89 11.60 6.09 -3.53
N ALA A 90 11.02 4.90 -3.47
CA ALA A 90 10.94 4.03 -4.64
C ALA A 90 10.04 4.66 -5.71
N ALA A 91 8.90 5.19 -5.26
CA ALA A 91 7.94 5.79 -6.18
C ALA A 91 8.57 6.94 -6.96
N LEU A 92 9.35 7.76 -6.26
CA LEU A 92 10.02 8.88 -6.92
C LEU A 92 11.13 8.40 -7.85
N SER A 93 11.93 7.45 -7.37
CA SER A 93 13.04 6.91 -8.16
CA SER A 93 13.04 6.91 -8.16
C SER A 93 12.54 6.37 -9.50
N VAL A 94 11.48 5.57 -9.46
CA VAL A 94 10.91 4.98 -10.66
CA VAL A 94 10.96 4.98 -10.69
C VAL A 94 10.50 6.05 -11.68
N VAL A 95 10.12 7.21 -11.17
CA VAL A 95 9.67 8.28 -12.06
C VAL A 95 10.84 9.12 -12.58
N PHE A 96 11.74 9.52 -11.68
CA PHE A 96 12.76 10.52 -12.00
C PHE A 96 14.17 10.00 -12.35
N ASP A 97 14.50 8.78 -11.94
CA ASP A 97 15.84 8.24 -12.21
C ASP A 97 16.03 7.95 -13.70
N LYS A 98 17.27 7.69 -14.11
CA LYS A 98 17.52 7.35 -15.51
C LYS A 98 16.89 5.99 -15.85
N GLY A 99 16.28 5.92 -17.04
CA GLY A 99 15.48 4.76 -17.40
C GLY A 99 14.13 4.81 -16.70
N GLY A 100 13.79 5.97 -16.15
CA GLY A 100 12.56 6.12 -15.41
C GLY A 100 11.37 6.50 -16.26
N VAL A 101 10.21 6.57 -15.62
CA VAL A 101 8.94 6.84 -16.28
C VAL A 101 8.94 8.12 -17.09
N LEU A 102 9.49 9.18 -16.50
CA LEU A 102 9.37 10.52 -17.05
C LEU A 102 9.94 10.67 -18.46
N GLU A 103 10.93 9.86 -18.81
CA GLU A 103 11.59 10.06 -20.09
C GLU A 103 10.78 9.56 -21.28
N GLN A 104 9.75 8.76 -21.04
CA GLN A 104 8.89 8.28 -22.12
C GLN A 104 7.45 8.80 -22.01
N ILE A 105 7.21 9.65 -21.02
CA ILE A 105 5.91 10.29 -20.89
C ILE A 105 5.69 11.26 -22.04
N CYS A 106 4.50 11.24 -22.63
CA CYS A 106 4.13 12.19 -23.67
C CYS A 106 2.62 12.25 -23.78
N GLU A 107 2.11 13.06 -24.70
CA GLU A 107 0.67 13.17 -24.86
C GLU A 107 0.09 11.78 -25.07
N GLY A 108 -1.04 11.50 -24.41
CA GLY A 108 -1.70 10.22 -24.57
C GLY A 108 -1.33 9.19 -23.54
N LYS A 109 -0.22 9.41 -22.84
CA LYS A 109 0.24 8.47 -21.81
C LYS A 109 -0.44 8.73 -20.46
N GLY A 110 -0.88 7.65 -19.82
CA GLY A 110 -1.47 7.74 -18.50
C GLY A 110 -0.66 6.97 -17.47
N TYR A 111 -0.39 7.61 -16.33
CA TYR A 111 0.34 6.98 -15.24
C TYR A 111 -0.52 6.97 -13.98
N ILE A 112 -0.72 5.78 -13.42
CA ILE A 112 -1.50 5.64 -12.20
C ILE A 112 -0.63 5.08 -11.08
N ASP A 113 -0.21 5.94 -10.15
CA ASP A 113 0.64 5.50 -9.06
C ASP A 113 -0.21 5.12 -7.85
N MET A 114 -0.22 3.83 -7.51
CA MET A 114 -1.05 3.35 -6.41
C MET A 114 -0.21 3.10 -5.16
N SER A 115 1.05 3.53 -5.21
CA SER A 115 1.93 3.44 -4.05
C SER A 115 1.40 4.28 -2.88
N THR A 116 1.75 3.87 -1.67
CA THR A 116 1.41 4.66 -0.49
C THR A 116 2.49 5.70 -0.27
N VAL A 117 2.14 6.97 -0.49
CA VAL A 117 3.09 8.08 -0.34
C VAL A 117 2.41 9.27 0.34
N ASP A 118 3.19 10.29 0.68
CA ASP A 118 2.61 11.53 1.18
C ASP A 118 2.24 12.45 0.02
N ALA A 119 1.40 13.43 0.29
CA ALA A 119 0.94 14.35 -0.75
C ALA A 119 2.08 15.04 -1.50
N GLU A 120 3.14 15.42 -0.78
CA GLU A 120 4.23 16.13 -1.44
C GLU A 120 4.87 15.25 -2.52
N THR A 121 4.90 13.94 -2.29
CA THR A 121 5.46 13.03 -3.27
C THR A 121 4.59 12.93 -4.53
N SER A 122 3.31 12.63 -4.36
CA SER A 122 2.41 12.52 -5.51
C SER A 122 2.30 13.85 -6.27
N LEU A 123 2.32 14.97 -5.55
CA LEU A 123 2.28 16.28 -6.20
C LEU A 123 3.50 16.50 -7.09
N LYS A 124 4.66 16.06 -6.60
CA LYS A 124 5.90 16.19 -7.35
C LYS A 124 5.81 15.37 -8.63
N ILE A 125 5.35 14.14 -8.50
CA ILE A 125 5.20 13.27 -9.66
C ILE A 125 4.19 13.86 -10.63
N ASN A 126 3.08 14.36 -10.11
CA ASN A 126 2.04 14.95 -10.96
C ASN A 126 2.58 16.08 -11.83
N GLU A 127 3.25 17.03 -11.20
CA GLU A 127 3.80 18.19 -11.90
C GLU A 127 4.72 17.75 -13.04
N ALA A 128 5.58 16.78 -12.76
CA ALA A 128 6.52 16.28 -13.74
C ALA A 128 5.82 15.57 -14.90
N ILE A 129 4.85 14.72 -14.58
CA ILE A 129 4.17 13.95 -15.61
C ILE A 129 3.32 14.82 -16.53
N THR A 130 2.50 15.68 -15.94
CA THR A 130 1.64 16.55 -16.73
C THR A 130 2.47 17.60 -17.46
N GLY A 131 3.62 17.95 -16.88
CA GLY A 131 4.52 18.90 -17.51
C GLY A 131 5.04 18.37 -18.82
N LYS A 132 5.11 17.04 -18.95
CA LYS A 132 5.57 16.41 -20.19
C LYS A 132 4.40 15.97 -21.06
N GLY A 133 3.20 16.43 -20.72
CA GLY A 133 2.03 16.18 -21.55
C GLY A 133 1.24 14.94 -21.19
N GLY A 134 1.67 14.24 -20.13
CA GLY A 134 0.97 13.03 -19.71
C GLY A 134 -0.20 13.34 -18.78
N ARG A 135 -0.92 12.30 -18.37
CA ARG A 135 -1.97 12.44 -17.36
C ARG A 135 -1.64 11.57 -16.16
N PHE A 136 -2.02 12.04 -14.96
CA PHE A 136 -1.62 11.34 -13.75
C PHE A 136 -2.78 11.15 -12.78
N VAL A 137 -2.85 9.94 -12.21
CA VAL A 137 -3.76 9.65 -11.11
C VAL A 137 -2.97 8.99 -9.98
N GLU A 138 -3.22 9.41 -8.75
CA GLU A 138 -2.75 8.65 -7.58
C GLU A 138 -3.91 7.77 -7.15
N GLY A 139 -3.63 6.50 -6.89
CA GLY A 139 -4.66 5.55 -6.53
C GLY A 139 -4.25 4.62 -5.40
N PRO A 140 -3.82 5.20 -4.26
CA PRO A 140 -3.42 4.38 -3.13
C PRO A 140 -4.60 3.52 -2.70
N VAL A 141 -4.34 2.37 -2.09
CA VAL A 141 -5.41 1.44 -1.78
C VAL A 141 -5.50 1.11 -0.30
N SER A 142 -6.72 0.85 0.18
CA SER A 142 -6.91 0.30 1.52
C SER A 142 -7.12 -1.20 1.37
N GLY A 143 -6.40 -1.98 2.17
CA GLY A 143 -6.47 -3.43 2.07
C GLY A 143 -5.10 -4.03 1.80
N SER A 144 -4.83 -5.17 2.41
CA SER A 144 -3.51 -5.79 2.35
C SER A 144 -3.41 -6.85 1.27
N LYS A 145 -2.53 -7.82 1.49
CA LYS A 145 -2.21 -8.87 0.53
C LYS A 145 -3.44 -9.70 0.13
N LYS A 146 -4.21 -10.16 1.10
CA LYS A 146 -5.36 -11.01 0.79
C LYS A 146 -6.37 -10.27 -0.10
N PRO A 147 -6.84 -9.10 0.37
CA PRO A 147 -7.75 -8.30 -0.48
C PRO A 147 -7.16 -8.09 -1.87
N ALA A 148 -5.85 -7.89 -1.96
CA ALA A 148 -5.20 -7.64 -3.24
C ALA A 148 -5.34 -8.85 -4.16
N GLU A 149 -5.18 -10.04 -3.61
CA GLU A 149 -5.32 -11.27 -4.39
C GLU A 149 -6.78 -11.49 -4.79
N ASP A 150 -7.69 -11.08 -3.92
CA ASP A 150 -9.12 -11.32 -4.11
C ASP A 150 -9.80 -10.21 -4.90
N GLY A 151 -9.04 -9.18 -5.24
CA GLY A 151 -9.61 -8.02 -5.93
C GLY A 151 -10.58 -7.27 -5.04
N GLN A 152 -10.30 -7.24 -3.73
CA GLN A 152 -11.19 -6.60 -2.77
C GLN A 152 -10.62 -5.31 -2.21
N LEU A 153 -9.65 -4.71 -2.90
CA LEU A 153 -9.07 -3.46 -2.44
C LEU A 153 -10.04 -2.30 -2.53
N ILE A 154 -9.78 -1.26 -1.74
CA ILE A 154 -10.54 -0.03 -1.84
CA ILE A 154 -10.54 -0.02 -1.85
C ILE A 154 -9.61 1.03 -2.44
N ILE A 155 -9.99 1.57 -3.59
CA ILE A 155 -9.15 2.53 -4.29
C ILE A 155 -9.46 3.96 -3.87
N LEU A 156 -8.42 4.67 -3.42
CA LEU A 156 -8.56 6.06 -2.98
C LEU A 156 -7.91 6.98 -4.01
N ALA A 157 -8.62 7.24 -5.10
CA ALA A 157 -8.04 7.94 -6.23
C ALA A 157 -8.16 9.46 -6.15
N ALA A 158 -7.21 10.14 -6.77
CA ALA A 158 -7.23 11.59 -6.93
C ALA A 158 -6.41 11.96 -8.15
N GLY A 159 -6.63 13.15 -8.69
CA GLY A 159 -5.89 13.62 -9.84
C GLY A 159 -6.76 13.77 -11.07
N ASP A 160 -6.22 13.39 -12.23
CA ASP A 160 -6.94 13.58 -13.48
C ASP A 160 -8.24 12.78 -13.51
N LYS A 161 -9.36 13.48 -13.50
CA LYS A 161 -10.67 12.84 -13.41
C LYS A 161 -10.98 11.99 -14.64
N ALA A 162 -10.57 12.46 -15.82
CA ALA A 162 -10.80 11.71 -17.05
C ALA A 162 -10.01 10.40 -17.05
N LEU A 163 -8.74 10.47 -16.65
CA LEU A 163 -7.93 9.27 -16.53
C LEU A 163 -8.50 8.32 -15.45
N PHE A 164 -8.98 8.88 -14.34
CA PHE A 164 -9.64 8.05 -13.34
C PHE A 164 -10.77 7.23 -13.97
N GLU A 165 -11.67 7.90 -14.65
CA GLU A 165 -12.84 7.25 -15.24
C GLU A 165 -12.44 6.17 -16.24
N GLU A 166 -11.47 6.49 -17.09
CA GLU A 166 -10.96 5.54 -18.07
C GLU A 166 -10.33 4.32 -17.40
N SER A 167 -9.91 4.47 -16.16
CA SER A 167 -9.20 3.41 -15.44
C SER A 167 -10.13 2.53 -14.60
N ILE A 168 -11.39 2.91 -14.53
CA ILE A 168 -12.35 2.17 -13.72
C ILE A 168 -12.39 0.66 -14.03
N PRO A 169 -12.31 0.28 -15.32
CA PRO A 169 -12.31 -1.17 -15.60
C PRO A 169 -11.18 -1.89 -14.88
N ALA A 170 -10.01 -1.27 -14.80
CA ALA A 170 -8.90 -1.87 -14.09
C ALA A 170 -9.16 -1.83 -12.58
N PHE A 171 -9.65 -0.70 -12.09
CA PHE A 171 -9.92 -0.55 -10.67
C PHE A 171 -11.01 -1.53 -10.21
N ASP A 172 -11.91 -1.88 -11.12
CA ASP A 172 -13.01 -2.81 -10.82
C ASP A 172 -12.49 -4.25 -10.63
N VAL A 173 -11.39 -4.57 -11.29
CA VAL A 173 -10.74 -5.86 -11.10
C VAL A 173 -9.88 -5.83 -9.83
N LEU A 174 -9.10 -4.76 -9.67
CA LEU A 174 -8.23 -4.62 -8.50
C LEU A 174 -8.98 -4.52 -7.17
N GLY A 175 -10.12 -3.83 -7.16
CA GLY A 175 -10.81 -3.58 -5.91
C GLY A 175 -12.31 -3.77 -5.97
N LYS A 176 -12.97 -3.58 -4.83
CA LYS A 176 -14.41 -3.73 -4.75
C LYS A 176 -15.11 -2.38 -4.73
N ARG A 177 -14.34 -1.30 -4.60
CA ARG A 177 -14.91 0.03 -4.56
CA ARG A 177 -14.90 0.04 -4.54
C ARG A 177 -13.83 1.08 -4.86
N SER A 178 -14.20 2.09 -5.63
CA SER A 178 -13.29 3.19 -5.95
C SER A 178 -13.87 4.51 -5.52
N PHE A 179 -13.04 5.37 -4.94
CA PHE A 179 -13.46 6.71 -4.56
C PHE A 179 -12.63 7.70 -5.36
N TYR A 180 -13.29 8.70 -5.94
CA TYR A 180 -12.56 9.81 -6.52
C TYR A 180 -12.61 10.97 -5.54
N LEU A 181 -11.44 11.42 -5.11
CA LEU A 181 -11.34 12.35 -4.00
C LEU A 181 -10.87 13.74 -4.42
N GLY A 182 -10.90 14.01 -5.72
CA GLY A 182 -10.55 15.34 -6.21
C GLY A 182 -9.10 15.52 -6.61
N GLN A 183 -8.52 16.65 -6.22
CA GLN A 183 -7.20 17.04 -6.70
C GLN A 183 -6.10 16.15 -6.12
N VAL A 184 -4.98 16.10 -6.84
CA VAL A 184 -3.83 15.31 -6.40
C VAL A 184 -3.43 15.70 -4.99
N GLY A 185 -3.12 14.71 -4.16
CA GLY A 185 -2.80 14.96 -2.77
C GLY A 185 -3.89 14.45 -1.85
N ASN A 186 -5.14 14.58 -2.28
CA ASN A 186 -6.28 14.13 -1.50
C ASN A 186 -6.29 12.63 -1.25
N GLY A 187 -5.91 11.86 -2.27
CA GLY A 187 -5.81 10.42 -2.14
C GLY A 187 -4.73 10.05 -1.15
N ALA A 188 -3.55 10.66 -1.33
CA ALA A 188 -2.43 10.43 -0.41
C ALA A 188 -2.85 10.72 1.02
N LYS A 189 -3.49 11.87 1.24
CA LYS A 189 -3.89 12.25 2.59
C LYS A 189 -4.91 11.27 3.17
N MET A 190 -5.91 10.89 2.36
CA MET A 190 -6.91 9.96 2.85
C MET A 190 -6.25 8.64 3.26
N LYS A 191 -5.32 8.17 2.43
CA LYS A 191 -4.65 6.90 2.68
C LYS A 191 -3.84 6.92 3.98
N LEU A 192 -3.07 7.99 4.18
CA LEU A 192 -2.30 8.14 5.41
C LEU A 192 -3.20 8.13 6.64
N ILE A 193 -4.35 8.80 6.56
CA ILE A 193 -5.28 8.84 7.69
C ILE A 193 -5.81 7.45 8.02
N VAL A 194 -6.21 6.72 6.99
CA VAL A 194 -6.63 5.33 7.16
C VAL A 194 -5.55 4.47 7.84
N ASN A 195 -4.32 4.55 7.34
CA ASN A 195 -3.25 3.74 7.93
C ASN A 195 -2.89 4.18 9.34
N MET A 196 -3.18 5.44 9.67
CA MET A 196 -2.87 5.98 10.99
C MET A 196 -3.80 5.38 12.04
N ILE A 197 -5.08 5.36 11.71
CA ILE A 197 -6.08 4.71 12.55
C ILE A 197 -5.68 3.24 12.71
N MET A 198 -5.32 2.60 11.61
CA MET A 198 -4.92 1.19 11.65
C MET A 198 -3.76 0.97 12.61
N GLY A 199 -2.72 1.78 12.48
CA GLY A 199 -1.57 1.67 13.35
C GLY A 199 -1.93 1.86 14.81
N SER A 200 -2.75 2.86 15.08
CA SER A 200 -3.20 3.15 16.43
C SER A 200 -4.05 1.99 16.97
N MET A 201 -4.95 1.47 16.13
CA MET A 201 -5.81 0.37 16.53
C MET A 201 -4.98 -0.85 16.89
N MET A 202 -4.00 -1.16 16.05
CA MET A 202 -3.14 -2.33 16.26
C MET A 202 -2.45 -2.21 17.61
N ASN A 203 -2.06 -0.99 17.96
CA ASN A 203 -1.45 -0.75 19.26
C ASN A 203 -2.41 -0.95 20.43
N ALA A 204 -3.59 -0.35 20.32
CA ALA A 204 -4.63 -0.54 21.33
C ALA A 204 -4.90 -2.02 21.54
N PHE A 205 -5.08 -2.74 20.43
CA PHE A 205 -5.30 -4.19 20.40
C PHE A 205 -4.18 -4.93 21.16
N SER A 206 -2.95 -4.64 20.78
CA SER A 206 -1.77 -5.28 21.37
C SER A 206 -1.70 -5.07 22.88
N GLU A 207 -2.02 -3.85 23.32
CA GLU A 207 -1.96 -3.54 24.74
C GLU A 207 -2.95 -4.41 25.52
N GLY A 208 -4.16 -4.58 24.97
CA GLY A 208 -5.17 -5.42 25.61
C GLY A 208 -4.79 -6.88 25.65
N LEU A 209 -4.27 -7.38 24.54
CA LEU A 209 -3.84 -8.78 24.47
C LEU A 209 -2.76 -9.07 25.51
N VAL A 210 -1.81 -8.16 25.65
CA VAL A 210 -0.74 -8.34 26.62
C VAL A 210 -1.25 -8.19 28.05
N LEU A 211 -2.14 -7.23 28.27
CA LEU A 211 -2.69 -7.03 29.61
C LEU A 211 -3.49 -8.26 30.05
N ALA A 212 -4.23 -8.85 29.13
CA ALA A 212 -4.97 -10.07 29.46
C ALA A 212 -4.01 -11.13 29.92
N ASP A 213 -2.98 -11.38 29.12
CA ASP A 213 -2.00 -12.42 29.42
C ASP A 213 -1.29 -12.19 30.75
N LYS A 214 -0.83 -10.97 30.98
CA LYS A 214 -0.13 -10.64 32.23
C LYS A 214 -1.02 -10.65 33.45
N SER A 215 -2.33 -10.50 33.26
CA SER A 215 -3.27 -10.47 34.36
C SER A 215 -3.84 -11.84 34.72
N GLY A 216 -3.32 -12.89 34.09
CA GLY A 216 -3.75 -14.24 34.39
C GLY A 216 -4.97 -14.70 33.60
N LEU A 217 -5.25 -14.03 32.49
CA LEU A 217 -6.40 -14.38 31.66
C LEU A 217 -5.96 -15.02 30.34
N SER A 218 -6.92 -15.50 29.57
CA SER A 218 -6.62 -16.03 28.24
C SER A 218 -6.77 -14.94 27.17
N SER A 219 -5.66 -14.62 26.50
CA SER A 219 -5.70 -13.68 25.38
CA SER A 219 -5.71 -13.68 25.39
C SER A 219 -6.54 -14.24 24.24
N ASP A 220 -6.68 -15.56 24.19
CA ASP A 220 -7.50 -16.21 23.17
C ASP A 220 -8.99 -15.96 23.45
N THR A 221 -9.36 -16.05 24.71
CA THR A 221 -10.73 -15.75 25.11
C THR A 221 -11.03 -14.27 24.89
N LEU A 222 -10.07 -13.41 25.22
CA LEU A 222 -10.26 -11.99 24.98
C LEU A 222 -10.59 -11.79 23.51
N LEU A 223 -9.85 -12.48 22.65
CA LEU A 223 -10.03 -12.37 21.21
C LEU A 223 -11.44 -12.81 20.79
N ASP A 224 -11.92 -13.91 21.37
CA ASP A 224 -13.28 -14.39 21.08
C ASP A 224 -14.29 -13.33 21.48
N ILE A 225 -14.09 -12.73 22.64
CA ILE A 225 -14.98 -11.70 23.14
C ILE A 225 -15.01 -10.48 22.22
N LEU A 226 -13.82 -10.04 21.79
CA LEU A 226 -13.72 -8.89 20.90
C LEU A 226 -14.42 -9.17 19.57
N ASP A 227 -14.28 -10.40 19.09
CA ASP A 227 -14.83 -10.78 17.78
C ASP A 227 -16.36 -10.88 17.80
N LEU A 228 -16.94 -10.87 19.00
CA LEU A 228 -18.40 -10.97 19.12
C LEU A 228 -19.08 -9.62 19.33
N GLY A 229 -18.31 -8.62 19.72
CA GLY A 229 -18.88 -7.34 20.15
C GLY A 229 -18.78 -6.18 19.18
N ALA A 230 -18.96 -4.97 19.71
CA ALA A 230 -19.06 -3.78 18.88
C ALA A 230 -17.76 -3.39 18.16
N MET A 231 -16.64 -3.96 18.60
CA MET A 231 -15.36 -3.62 18.00
C MET A 231 -14.92 -4.64 16.96
N THR A 232 -15.71 -5.70 16.79
CA THR A 232 -15.32 -6.77 15.87
C THR A 232 -14.94 -6.23 14.49
N ASN A 233 -13.79 -6.66 14.00
CA ASN A 233 -13.32 -6.25 12.69
C ASN A 233 -12.41 -7.32 12.09
N PRO A 234 -12.29 -7.33 10.75
CA PRO A 234 -11.43 -8.30 10.06
C PRO A 234 -9.97 -8.28 10.53
N MET A 235 -9.43 -7.12 10.87
CA MET A 235 -8.04 -7.06 11.32
C MET A 235 -7.82 -7.84 12.61
N PHE A 236 -8.65 -7.58 13.63
CA PHE A 236 -8.58 -8.33 14.89
C PHE A 236 -8.72 -9.82 14.60
N LYS A 237 -9.76 -10.18 13.85
CA LYS A 237 -10.02 -11.58 13.49
C LYS A 237 -8.82 -12.24 12.83
N GLY A 238 -8.22 -11.55 11.86
CA GLY A 238 -7.18 -12.12 11.04
C GLY A 238 -5.81 -12.12 11.67
N LYS A 239 -5.50 -11.08 12.44
CA LYS A 239 -4.17 -10.93 13.04
C LYS A 239 -4.11 -11.56 14.44
N GLY A 240 -5.21 -11.45 15.17
CA GLY A 240 -5.26 -11.91 16.55
C GLY A 240 -4.67 -13.27 16.83
N PRO A 241 -5.17 -14.32 16.15
CA PRO A 241 -4.70 -15.67 16.42
C PRO A 241 -3.20 -15.82 16.18
N SER A 242 -2.69 -15.19 15.12
CA SER A 242 -1.27 -15.25 14.83
C SER A 242 -0.45 -14.53 15.90
N MET A 243 -0.91 -13.33 16.28
CA MET A 243 -0.24 -12.56 17.32
C MET A 243 -0.14 -13.37 18.61
N ASN A 244 -1.21 -14.06 18.97
CA ASN A 244 -1.22 -14.86 20.20
C ASN A 244 -0.26 -16.03 20.15
N LYS A 245 0.18 -16.38 18.93
CA LYS A 245 1.19 -17.43 18.76
C LYS A 245 2.56 -16.81 18.46
N SER A 246 2.67 -15.49 18.62
CA SER A 246 3.91 -14.79 18.32
C SER A 246 4.38 -15.06 16.89
N SER A 247 3.44 -15.09 15.95
CA SER A 247 3.74 -15.33 14.55
C SER A 247 3.37 -14.10 13.72
N TYR A 248 4.35 -13.54 13.02
CA TYR A 248 4.16 -12.28 12.32
C TYR A 248 4.64 -12.32 10.87
N PRO A 249 4.13 -13.27 10.08
CA PRO A 249 4.53 -13.26 8.66
C PRO A 249 4.08 -11.96 8.00
N PRO A 250 4.98 -11.32 7.25
CA PRO A 250 4.71 -9.95 6.75
C PRO A 250 3.65 -9.90 5.64
N ALA A 251 2.51 -9.30 5.96
CA ALA A 251 1.53 -8.94 4.94
C ALA A 251 1.71 -7.44 4.69
N PHE A 252 1.92 -6.71 5.78
CA PHE A 252 2.20 -5.29 5.74
C PHE A 252 3.35 -5.02 6.68
N PRO A 253 4.58 -4.96 6.15
CA PRO A 253 5.79 -4.86 6.97
C PRO A 253 5.71 -3.72 7.98
N LEU A 254 6.20 -3.99 9.19
CA LEU A 254 6.12 -3.04 10.29
C LEU A 254 6.84 -1.73 9.97
N LYS A 255 7.97 -1.81 9.26
CA LYS A 255 8.74 -0.61 8.93
C LYS A 255 7.93 0.33 8.04
N HIS A 256 7.05 -0.24 7.21
CA HIS A 256 6.24 0.59 6.33
C HIS A 256 5.10 1.25 7.10
N GLN A 257 4.49 0.49 8.00
CA GLN A 257 3.43 1.01 8.86
C GLN A 257 3.96 2.17 9.72
N GLN A 258 5.17 2.01 10.25
CA GLN A 258 5.78 3.03 11.09
C GLN A 258 6.06 4.30 10.29
N LYS A 259 6.63 4.13 9.10
CA LYS A 259 6.83 5.26 8.20
C LYS A 259 5.51 5.97 7.92
N ASP A 260 4.44 5.20 7.71
CA ASP A 260 3.13 5.78 7.46
C ASP A 260 2.62 6.59 8.66
N MET A 261 2.87 6.09 9.87
CA MET A 261 2.49 6.81 11.08
C MET A 261 3.19 8.16 11.09
N ARG A 262 4.49 8.14 10.78
CA ARG A 262 5.27 9.37 10.71
CA ARG A 262 5.26 9.37 10.71
C ARG A 262 4.66 10.34 9.70
N LEU A 263 4.32 9.83 8.51
CA LEU A 263 3.76 10.70 7.48
C LEU A 263 2.42 11.27 7.89
N ALA A 264 1.59 10.46 8.55
CA ALA A 264 0.30 10.93 9.06
C ALA A 264 0.52 12.03 10.09
N LEU A 265 1.50 11.84 10.97
CA LEU A 265 1.77 12.82 12.02
C LEU A 265 2.32 14.12 11.42
N ALA A 266 3.02 14.01 10.30
CA ALA A 266 3.49 15.19 9.59
C ALA A 266 2.33 15.97 8.98
N LEU A 267 1.33 15.26 8.46
CA LEU A 267 0.09 15.90 8.00
C LEU A 267 -0.59 16.58 9.17
N GLY A 268 -0.60 15.92 10.32
CA GLY A 268 -1.13 16.52 11.54
C GLY A 268 -0.35 17.79 11.89
N ASP A 269 0.97 17.68 11.82
CA ASP A 269 1.85 18.82 12.06
C ASP A 269 1.45 19.97 11.13
N GLU A 270 1.33 19.66 9.85
CA GLU A 270 1.02 20.65 8.84
C GLU A 270 -0.29 21.39 9.13
N ASN A 271 -1.27 20.67 9.67
CA ASN A 271 -2.59 21.25 9.89
C ASN A 271 -2.87 21.58 11.36
N ALA A 272 -1.81 21.55 12.16
CA ALA A 272 -1.91 21.86 13.59
C ALA A 272 -2.95 21.00 14.30
N VAL A 273 -2.98 19.71 13.99
CA VAL A 273 -3.86 18.77 14.68
C VAL A 273 -3.03 17.95 15.66
N SER A 274 -3.43 17.97 16.92
CA SER A 274 -2.73 17.24 17.96
C SER A 274 -3.30 15.82 18.04
N MET A 275 -2.43 14.82 17.92
CA MET A 275 -2.90 13.43 17.90
C MET A 275 -2.07 12.53 18.82
N PRO A 276 -2.30 12.63 20.14
CA PRO A 276 -1.50 11.92 21.14
C PRO A 276 -1.52 10.41 20.98
N VAL A 277 -2.65 9.84 20.58
CA VAL A 277 -2.72 8.40 20.42
C VAL A 277 -1.88 7.91 19.23
N ALA A 278 -2.01 8.58 18.08
CA ALA A 278 -1.16 8.25 16.94
C ALA A 278 0.32 8.43 17.29
N ALA A 279 0.63 9.52 17.99
CA ALA A 279 2.02 9.80 18.36
C ALA A 279 2.60 8.72 19.27
N ALA A 280 1.81 8.26 20.25
CA ALA A 280 2.26 7.19 21.13
C ALA A 280 2.45 5.89 20.36
N ALA A 281 1.51 5.58 19.46
CA ALA A 281 1.60 4.37 18.65
C ALA A 281 2.84 4.39 17.76
N ASN A 282 3.10 5.53 17.14
CA ASN A 282 4.32 5.72 16.37
C ASN A 282 5.58 5.35 17.15
N GLU A 283 5.68 5.83 18.38
CA GLU A 283 6.87 5.55 19.18
C GLU A 283 6.98 4.07 19.54
N ALA A 284 5.83 3.42 19.71
CA ALA A 284 5.83 1.97 19.96
C ALA A 284 6.35 1.22 18.74
N PHE A 285 5.97 1.65 17.54
CA PHE A 285 6.50 1.05 16.32
C PHE A 285 8.01 1.26 16.20
N LYS A 286 8.49 2.44 16.60
CA LYS A 286 9.93 2.68 16.62
C LYS A 286 10.65 1.70 17.53
N LYS A 287 10.05 1.45 18.70
CA LYS A 287 10.63 0.51 19.65
C LYS A 287 10.67 -0.89 19.03
N ALA A 288 9.61 -1.25 18.32
CA ALA A 288 9.57 -2.55 17.65
C ALA A 288 10.67 -2.66 16.61
N ARG A 289 10.90 -1.58 15.85
CA ARG A 289 12.00 -1.56 14.89
C ARG A 289 13.33 -1.79 15.60
N SER A 290 13.49 -1.18 16.78
CA SER A 290 14.74 -1.29 17.52
CA SER A 290 14.73 -1.28 17.54
C SER A 290 14.93 -2.70 18.03
N LEU A 291 13.84 -3.46 18.09
CA LEU A 291 13.90 -4.86 18.48
C LEU A 291 14.18 -5.75 17.28
N GLY A 292 14.42 -5.14 16.12
CA GLY A 292 14.74 -5.88 14.91
C GLY A 292 13.54 -6.49 14.20
N LEU A 293 12.38 -5.86 14.34
CA LEU A 293 11.13 -6.42 13.84
C LEU A 293 10.59 -5.71 12.62
N GLY A 294 11.40 -4.83 12.03
CA GLY A 294 10.95 -4.00 10.93
C GLY A 294 10.45 -4.76 9.71
N ASP A 295 11.01 -5.93 9.44
CA ASP A 295 10.66 -6.71 8.26
C ASP A 295 9.49 -7.66 8.50
N LEU A 296 9.06 -7.79 9.75
CA LEU A 296 7.92 -8.65 10.07
C LEU A 296 6.62 -7.89 9.85
N ASP A 297 5.50 -8.57 10.00
CA ASP A 297 4.21 -7.91 9.91
C ASP A 297 4.11 -6.82 10.96
N PHE A 298 3.34 -5.77 10.66
CA PHE A 298 3.15 -4.67 11.59
C PHE A 298 2.51 -5.14 12.90
N SER A 299 1.83 -6.29 12.87
CA SER A 299 1.27 -6.86 14.09
C SER A 299 2.35 -7.26 15.10
N ALA A 300 3.60 -7.32 14.66
CA ALA A 300 4.72 -7.62 15.56
C ALA A 300 4.94 -6.52 16.61
N VAL A 301 4.25 -5.39 16.47
CA VAL A 301 4.42 -4.31 17.44
C VAL A 301 4.05 -4.78 18.85
N ILE A 302 3.31 -5.88 18.95
CA ILE A 302 2.93 -6.41 20.26
C ILE A 302 4.16 -6.86 21.05
N GLU A 303 5.22 -7.22 20.34
CA GLU A 303 6.49 -7.59 20.98
C GLU A 303 7.09 -6.41 21.76
N ALA A 304 6.81 -5.19 21.32
CA ALA A 304 7.27 -4.01 22.04
C ALA A 304 6.52 -3.86 23.36
N VAL A 305 5.26 -4.26 23.38
CA VAL A 305 4.45 -4.21 24.60
C VAL A 305 4.83 -5.34 25.55
N LYS A 306 5.12 -6.51 25.00
CA LYS A 306 5.47 -7.70 25.77
C LYS A 306 6.85 -7.65 26.45
N PHE A 307 7.79 -6.94 25.84
CA PHE A 307 9.18 -6.99 26.29
C PHE A 307 9.31 -6.74 27.79
N SER A 308 9.98 -7.68 28.47
CA SER A 308 10.22 -7.58 29.91
C SER A 308 11.47 -8.36 30.28
N ARG A 309 11.82 -8.36 31.56
CA ARG A 309 12.98 -9.10 32.06
C ARG A 309 13.04 -9.13 33.58
CL CL B . 12.51 -3.59 -22.83
#